data_3UGP
#
_entry.id   3UGP
#
_cell.length_a   86.001
_cell.length_b   86.001
_cell.length_c   105.862
_cell.angle_alpha   90.00
_cell.angle_beta   90.00
_cell.angle_gamma   90.00
#
_symmetry.space_group_name_H-M   'P 4 2 2'
#
loop_
_entity.id
_entity.type
_entity.pdbx_description
1 polymer 'RNA polymerase sigma factor'
2 polymer "5'-D(*TP*GP*TP*AP*TP*AP*AP*TP*GP*GP*G)-3'"
3 non-polymer 'POTASSIUM ION'
4 water water
#
loop_
_entity_poly.entity_id
_entity_poly.type
_entity_poly.pdbx_seq_one_letter_code
_entity_poly.pdbx_strand_id
1 'polypeptide(L)'
;GPHMTSDPVRQYLHEIGQVPLLTLEEEIDLARKVEEGMEAIKKLSEATGLDQELIREVVRAKILGTARIQKIPGLKEKPD
PKTVEEVDGKLKSLPKELKRYLHIAREGEAARQHLIEANLRLVVSIAKKYTGRGLSFLDLIQEGNQGLIRAVEKFEYKRR
FKFSTYATWWIRQAINRAIADQARTIRIPVHMVETINKLSRTARQLQQELGREPSYEEIAEAMGPGWDAKRVEETLKIAQ
EPVSL
;
A
2 'polydeoxyribonucleotide' (DT)(DG)(DT)(DA)(DT)(DA)(DA)(DT)(DG)(DG)(DG) B,C
#
# COMPACT_ATOMS: atom_id res chain seq x y z
N SER A 6 3.72 -16.67 18.61
CA SER A 6 3.91 -15.30 19.11
C SER A 6 2.58 -14.58 19.31
N ASP A 7 2.48 -13.84 20.42
CA ASP A 7 1.22 -13.19 20.81
C ASP A 7 0.82 -12.01 19.90
N PRO A 8 1.78 -11.15 19.53
CA PRO A 8 1.45 -10.06 18.60
C PRO A 8 1.15 -10.61 17.21
N VAL A 9 1.76 -11.74 16.87
CA VAL A 9 1.56 -12.37 15.57
C VAL A 9 0.19 -13.02 15.49
N ARG A 10 -0.15 -13.82 16.50
CA ARG A 10 -1.48 -14.41 16.57
C ARG A 10 -2.53 -13.33 16.40
N GLN A 11 -2.33 -12.20 17.07
CA GLN A 11 -3.27 -11.10 17.04
C GLN A 11 -3.35 -10.48 15.65
N TYR A 12 -2.20 -10.36 14.99
CA TYR A 12 -2.15 -9.86 13.62
C TYR A 12 -2.91 -10.79 12.66
N LEU A 13 -2.61 -12.09 12.74
CA LEU A 13 -3.30 -13.09 11.93
C LEU A 13 -4.79 -13.04 12.19
N HIS A 14 -5.16 -12.81 13.44
CA HIS A 14 -6.57 -12.73 13.75
C HIS A 14 -7.21 -11.55 13.02
N GLU A 15 -6.53 -10.41 13.04
CA GLU A 15 -7.08 -9.18 12.52
C GLU A 15 -7.21 -9.18 11.00
N ILE A 16 -6.21 -9.74 10.32
CA ILE A 16 -6.23 -9.77 8.86
C ILE A 16 -7.24 -10.77 8.33
N GLY A 17 -7.56 -11.76 9.16
CA GLY A 17 -8.48 -12.81 8.77
C GLY A 17 -9.91 -12.31 8.68
N GLN A 18 -10.18 -11.21 9.35
CA GLN A 18 -11.51 -10.62 9.31
C GLN A 18 -11.73 -9.85 8.01
N VAL A 19 -10.64 -9.56 7.30
CA VAL A 19 -10.75 -8.78 6.07
C VAL A 19 -11.16 -9.65 4.87
N PRO A 20 -12.35 -9.41 4.31
CA PRO A 20 -12.89 -10.24 3.24
C PRO A 20 -12.04 -10.12 1.98
N LEU A 21 -12.00 -11.19 1.20
CA LEU A 21 -11.36 -11.13 -0.11
C LEU A 21 -12.18 -10.26 -1.07
N LEU A 22 -11.47 -9.57 -1.96
CA LEU A 22 -12.08 -8.82 -3.04
C LEU A 22 -12.60 -9.72 -4.17
N THR A 23 -13.75 -9.35 -4.73
CA THR A 23 -14.20 -9.93 -6.00
C THR A 23 -13.32 -9.38 -7.10
N LEU A 24 -13.44 -9.96 -8.28
CA LEU A 24 -12.73 -9.44 -9.44
C LEU A 24 -13.16 -8.00 -9.74
N GLU A 25 -14.46 -7.73 -9.63
CA GLU A 25 -15.01 -6.38 -9.88
C GLU A 25 -14.57 -5.31 -8.89
N GLU A 26 -14.50 -5.65 -7.60
CA GLU A 26 -13.96 -4.72 -6.60
C GLU A 26 -12.49 -4.43 -6.86
N GLU A 27 -11.74 -5.50 -7.15
CA GLU A 27 -10.32 -5.47 -7.52
C GLU A 27 -10.04 -4.48 -8.66
N ILE A 28 -10.78 -4.59 -9.76
CA ILE A 28 -10.56 -3.69 -10.89
C ILE A 28 -10.89 -2.25 -10.50
N ASP A 29 -11.99 -2.09 -9.77
CA ASP A 29 -12.42 -0.76 -9.34
CA ASP A 29 -12.42 -0.77 -9.35
C ASP A 29 -11.34 -0.11 -8.49
N LEU A 30 -10.81 -0.87 -7.53
CA LEU A 30 -9.79 -0.34 -6.65
C LEU A 30 -8.52 0.00 -7.44
N ALA A 31 -8.08 -0.95 -8.26
CA ALA A 31 -6.90 -0.76 -9.11
C ALA A 31 -7.03 0.47 -9.99
N ARG A 32 -8.24 0.71 -10.49
CA ARG A 32 -8.49 1.86 -11.36
C ARG A 32 -8.33 3.17 -10.57
N LYS A 33 -8.85 3.16 -9.35
CA LYS A 33 -8.81 4.35 -8.51
C LYS A 33 -7.37 4.67 -8.11
N VAL A 34 -6.56 3.62 -7.96
CA VAL A 34 -5.16 3.78 -7.63
C VAL A 34 -4.41 4.44 -8.82
N GLU A 35 -4.62 3.93 -10.04
CA GLU A 35 -4.04 4.56 -11.23
C GLU A 35 -4.42 6.04 -11.29
N GLU A 36 -5.72 6.29 -11.16
CA GLU A 36 -6.28 7.63 -11.23
C GLU A 36 -5.70 8.53 -10.14
N GLY A 37 -5.53 7.98 -8.94
CA GLY A 37 -4.92 8.71 -7.84
C GLY A 37 -3.46 9.06 -8.16
N MET A 38 -2.77 8.17 -8.84
CA MET A 38 -1.38 8.43 -9.19
C MET A 38 -1.22 9.47 -10.28
N GLU A 39 -2.19 9.58 -11.17
CA GLU A 39 -2.11 10.59 -12.22
C GLU A 39 -2.45 11.97 -11.64
N ALA A 40 -3.38 11.97 -10.69
CA ALA A 40 -3.80 13.17 -9.99
C ALA A 40 -2.64 13.76 -9.19
N ILE A 41 -1.87 12.87 -8.54
CA ILE A 41 -0.77 13.30 -7.71
C ILE A 41 0.37 13.85 -8.55
N LYS A 42 0.52 13.34 -9.77
CA LYS A 42 1.43 13.93 -10.73
C LYS A 42 1.05 15.41 -10.97
N LYS A 43 -0.24 15.68 -11.21
CA LYS A 43 -0.71 17.04 -11.44
C LYS A 43 -0.44 17.97 -10.25
N LEU A 44 -0.70 17.47 -9.04
CA LEU A 44 -0.41 18.20 -7.82
C LEU A 44 1.10 18.48 -7.64
N SER A 45 1.93 17.51 -8.05
CA SER A 45 3.38 17.70 -8.01
C SER A 45 3.81 18.84 -8.93
N GLU A 46 3.33 18.80 -10.18
CA GLU A 46 3.68 19.81 -11.16
C GLU A 46 3.27 21.18 -10.66
N ALA A 47 2.14 21.25 -9.98
CA ALA A 47 1.57 22.54 -9.61
C ALA A 47 2.19 23.12 -8.35
N THR A 48 2.63 22.27 -7.43
CA THR A 48 3.15 22.75 -6.16
C THR A 48 4.67 22.74 -6.08
N GLY A 49 5.30 21.96 -6.96
CA GLY A 49 6.74 21.75 -6.91
C GLY A 49 7.20 20.76 -5.87
N LEU A 50 6.28 20.08 -5.19
CA LEU A 50 6.65 19.06 -4.20
C LEU A 50 6.82 17.68 -4.80
N ASP A 51 7.55 16.83 -4.10
CA ASP A 51 7.78 15.45 -4.52
C ASP A 51 6.50 14.62 -4.56
N GLN A 52 6.26 13.97 -5.70
CA GLN A 52 5.12 13.05 -5.83
C GLN A 52 4.97 12.10 -4.67
N GLU A 53 6.04 11.43 -4.25
CA GLU A 53 5.94 10.46 -3.14
CA GLU A 53 5.91 10.46 -3.18
C GLU A 53 5.67 11.17 -1.83
N LEU A 54 6.17 12.39 -1.71
CA LEU A 54 5.89 13.17 -0.52
C LEU A 54 4.40 13.52 -0.46
N ILE A 55 3.83 13.95 -1.58
CA ILE A 55 2.40 14.24 -1.62
C ILE A 55 1.56 12.99 -1.28
N ARG A 56 1.91 11.89 -1.93
CA ARG A 56 1.27 10.60 -1.73
CA ARG A 56 1.25 10.61 -1.72
C ARG A 56 1.27 10.18 -0.25
N GLU A 57 2.43 10.26 0.38
CA GLU A 57 2.57 9.85 1.79
C GLU A 57 1.66 10.65 2.70
N VAL A 58 1.54 11.93 2.39
CA VAL A 58 0.82 12.86 3.23
C VAL A 58 -0.66 12.67 3.05
N VAL A 59 -1.07 12.52 1.79
CA VAL A 59 -2.46 12.22 1.48
C VAL A 59 -2.87 10.92 2.15
N ARG A 60 -1.96 9.95 2.10
CA ARG A 60 -2.19 8.66 2.73
C ARG A 60 -2.35 8.78 4.25
N ALA A 61 -1.59 9.70 4.84
CA ALA A 61 -1.60 9.86 6.28
C ALA A 61 -2.96 10.34 6.71
N LYS A 62 -3.62 11.05 5.79
CA LYS A 62 -4.93 11.64 6.07
C LYS A 62 -6.08 10.64 5.85
N ILE A 63 -5.81 9.50 5.23
CA ILE A 63 -6.88 8.53 5.00
C ILE A 63 -6.79 7.34 5.95
N LEU A 64 -5.63 7.19 6.62
CA LEU A 64 -5.44 6.12 7.61
C LEU A 64 -6.44 6.13 8.78
N GLY A 65 -7.08 7.28 9.02
CA GLY A 65 -8.10 7.36 10.05
C GLY A 65 -9.23 6.38 9.83
N THR A 66 -9.58 6.17 8.56
CA THR A 66 -10.64 5.23 8.20
C THR A 66 -10.11 3.87 7.71
N ALA A 67 -8.90 3.50 8.15
CA ALA A 67 -8.28 2.23 7.78
C ALA A 67 -8.69 1.10 8.74
N ARG A 68 -8.67 -0.14 8.25
CA ARG A 68 -9.07 -1.30 9.05
C ARG A 68 -7.92 -1.93 9.82
N ILE A 69 -6.79 -2.11 9.12
CA ILE A 69 -5.57 -2.56 9.78
C ILE A 69 -4.57 -1.40 9.87
N GLN A 70 -4.10 -1.13 11.09
CA GLN A 70 -3.33 0.08 11.36
C GLN A 70 -1.81 -0.13 11.32
N LYS A 71 -1.30 -0.96 12.23
CA LYS A 71 0.14 -1.21 12.27
C LYS A 71 0.49 -2.42 11.43
N ILE A 72 0.67 -2.19 10.13
CA ILE A 72 1.01 -3.27 9.22
C ILE A 72 2.52 -3.45 9.15
N PRO A 73 2.98 -4.67 9.49
CA PRO A 73 4.41 -4.99 9.60
C PRO A 73 5.11 -4.73 8.30
N GLY A 74 6.25 -4.05 8.35
CA GLY A 74 7.09 -3.87 7.18
C GLY A 74 6.65 -2.73 6.31
N LEU A 75 5.59 -2.04 6.72
CA LEU A 75 5.11 -0.88 5.98
C LEU A 75 5.77 0.40 6.49
N LYS A 76 6.10 1.30 5.56
CA LYS A 76 6.73 2.58 5.89
C LYS A 76 5.85 3.44 6.81
N GLU A 77 6.48 3.99 7.85
CA GLU A 77 5.78 4.77 8.85
C GLU A 77 5.33 6.15 8.30
N LYS A 78 4.21 6.66 8.84
CA LYS A 78 3.78 8.02 8.51
C LYS A 78 4.93 8.99 8.71
N PRO A 79 5.01 10.05 7.88
CA PRO A 79 6.01 11.09 8.13
C PRO A 79 5.69 11.82 9.43
N ASP A 80 6.64 12.60 9.95
CA ASP A 80 6.38 13.34 11.19
C ASP A 80 5.30 14.39 11.01
N PRO A 81 4.38 14.49 11.98
CA PRO A 81 3.17 15.31 11.88
C PRO A 81 3.43 16.74 11.42
N LYS A 82 4.62 17.25 11.72
CA LYS A 82 4.98 18.61 11.35
C LYS A 82 5.05 18.72 9.83
N THR A 83 5.57 17.68 9.19
CA THR A 83 5.64 17.62 7.73
C THR A 83 4.26 17.35 7.13
N VAL A 84 3.45 16.57 7.83
CA VAL A 84 2.11 16.30 7.36
C VAL A 84 1.33 17.60 7.36
N GLU A 85 1.39 18.32 8.48
CA GLU A 85 0.62 19.55 8.63
C GLU A 85 1.00 20.58 7.57
N GLU A 86 2.29 20.70 7.30
CA GLU A 86 2.78 21.67 6.34
C GLU A 86 2.36 21.35 4.92
N VAL A 87 2.53 20.09 4.52
CA VAL A 87 2.17 19.66 3.18
C VAL A 87 0.65 19.62 2.98
N ASP A 88 -0.07 19.16 4.00
CA ASP A 88 -1.52 19.17 3.95
C ASP A 88 -2.05 20.59 3.77
N GLY A 89 -1.37 21.54 4.42
CA GLY A 89 -1.72 22.94 4.32
C GLY A 89 -1.59 23.43 2.90
N LYS A 90 -0.46 23.14 2.26
CA LYS A 90 -0.28 23.59 0.89
C LYS A 90 -1.34 22.99 -0.05
N LEU A 91 -1.78 21.77 0.24
CA LEU A 91 -2.73 21.09 -0.66
C LEU A 91 -4.16 21.66 -0.51
N LYS A 92 -4.62 21.74 0.72
CA LYS A 92 -5.92 22.31 1.02
C LYS A 92 -6.07 23.74 0.47
N SER A 93 -4.98 24.44 0.38
CA SER A 93 -5.01 25.79 -0.05
C SER A 93 -4.88 25.99 -1.53
N LEU A 94 -4.94 24.94 -2.31
CA LEU A 94 -4.84 25.07 -3.74
C LEU A 94 -6.11 25.52 -4.41
N PRO A 95 -6.00 26.03 -5.62
CA PRO A 95 -7.08 26.61 -6.41
C PRO A 95 -8.18 25.68 -6.85
N LYS A 96 -9.35 26.22 -7.14
CA LYS A 96 -10.49 25.33 -7.37
C LYS A 96 -10.14 24.17 -8.30
N GLU A 97 -9.62 24.49 -9.48
CA GLU A 97 -9.31 23.49 -10.51
C GLU A 97 -8.49 22.30 -10.01
N LEU A 98 -7.54 22.59 -9.11
CA LEU A 98 -6.64 21.57 -8.57
C LEU A 98 -7.19 20.80 -7.37
N LYS A 99 -8.31 21.24 -6.81
CA LYS A 99 -8.84 20.57 -5.62
C LYS A 99 -9.63 19.30 -5.96
N ARG A 100 -10.00 19.14 -7.22
CA ARG A 100 -10.62 17.90 -7.65
C ARG A 100 -9.54 16.81 -7.75
N TYR A 101 -8.34 17.22 -8.17
CA TYR A 101 -7.19 16.33 -8.22
C TYR A 101 -6.83 15.83 -6.83
N LEU A 102 -6.98 16.69 -5.84
CA LEU A 102 -6.73 16.27 -4.47
C LEU A 102 -7.79 15.25 -4.02
N HIS A 103 -9.03 15.40 -4.49
CA HIS A 103 -10.08 14.45 -4.13
CA HIS A 103 -10.06 14.44 -4.10
C HIS A 103 -9.79 13.07 -4.72
N ILE A 104 -9.44 13.06 -6.00
CA ILE A 104 -9.06 11.86 -6.72
C ILE A 104 -7.86 11.17 -6.06
N ALA A 105 -6.88 11.96 -5.63
CA ALA A 105 -5.72 11.44 -4.94
C ALA A 105 -6.10 10.84 -3.59
N ARG A 106 -7.13 11.39 -2.96
CA ARG A 106 -7.56 10.86 -1.69
C ARG A 106 -8.21 9.49 -1.86
N GLU A 107 -8.98 9.33 -2.92
CA GLU A 107 -9.66 8.07 -3.15
C GLU A 107 -8.65 7.04 -3.60
N GLY A 108 -7.72 7.48 -4.44
CA GLY A 108 -6.63 6.62 -4.86
C GLY A 108 -5.89 6.01 -3.69
N GLU A 109 -5.63 6.80 -2.66
CA GLU A 109 -4.86 6.33 -1.51
C GLU A 109 -5.73 5.57 -0.52
N ALA A 110 -7.01 5.92 -0.44
CA ALA A 110 -7.96 5.11 0.30
C ALA A 110 -8.11 3.73 -0.36
N ALA A 111 -8.13 3.72 -1.70
CA ALA A 111 -8.22 2.47 -2.45
C ALA A 111 -6.93 1.63 -2.34
N ARG A 112 -5.76 2.26 -2.42
CA ARG A 112 -4.51 1.55 -2.23
C ARG A 112 -4.54 0.79 -0.89
N GLN A 113 -4.87 1.50 0.19
CA GLN A 113 -4.90 0.90 1.52
C GLN A 113 -5.86 -0.31 1.58
N HIS A 114 -7.03 -0.16 0.98
CA HIS A 114 -8.07 -1.19 0.97
C HIS A 114 -7.56 -2.45 0.25
N LEU A 115 -7.05 -2.24 -0.96
CA LEU A 115 -6.47 -3.29 -1.77
C LEU A 115 -5.34 -4.02 -1.05
N ILE A 116 -4.48 -3.28 -0.35
CA ILE A 116 -3.40 -3.88 0.44
C ILE A 116 -3.92 -4.72 1.61
N GLU A 117 -4.87 -4.18 2.36
CA GLU A 117 -5.44 -4.94 3.46
C GLU A 117 -6.09 -6.25 2.97
N ALA A 118 -6.68 -6.21 1.78
CA ALA A 118 -7.44 -7.35 1.27
C ALA A 118 -6.53 -8.48 0.75
N ASN A 119 -5.22 -8.27 0.83
CA ASN A 119 -4.27 -9.24 0.35
C ASN A 119 -3.18 -9.55 1.37
N LEU A 120 -3.40 -9.19 2.62
CA LEU A 120 -2.42 -9.48 3.66
C LEU A 120 -2.41 -10.97 3.97
N ARG A 121 -3.58 -11.57 3.87
CA ARG A 121 -3.75 -13.00 4.00
C ARG A 121 -2.91 -13.77 3.00
N LEU A 122 -2.79 -13.25 1.78
CA LEU A 122 -1.99 -13.91 0.73
C LEU A 122 -0.52 -13.98 1.12
N VAL A 123 0.02 -12.85 1.61
CA VAL A 123 1.41 -12.79 2.07
C VAL A 123 1.68 -13.85 3.12
N VAL A 124 0.83 -13.90 4.14
CA VAL A 124 1.04 -14.89 5.20
C VAL A 124 1.15 -16.29 4.63
N SER A 125 0.27 -16.65 3.71
CA SER A 125 0.29 -18.03 3.24
C SER A 125 1.56 -18.35 2.45
N ILE A 126 2.03 -17.41 1.65
CA ILE A 126 3.33 -17.59 1.01
C ILE A 126 4.47 -17.62 2.05
N ALA A 127 4.41 -16.72 3.03
CA ALA A 127 5.38 -16.72 4.13
C ALA A 127 5.58 -18.09 4.77
N LYS A 128 4.49 -18.81 4.99
CA LYS A 128 4.52 -20.13 5.62
C LYS A 128 5.43 -21.13 4.91
N LYS A 129 5.57 -21.00 3.59
CA LYS A 129 6.46 -21.88 2.84
C LYS A 129 7.98 -21.59 3.00
N TYR A 130 8.31 -20.50 3.70
CA TYR A 130 9.71 -20.06 3.80
C TYR A 130 10.28 -20.04 5.23
N THR A 131 9.60 -20.67 6.17
CA THR A 131 10.08 -20.73 7.54
C THR A 131 11.29 -21.66 7.67
N GLY A 132 12.03 -21.49 8.76
CA GLY A 132 13.24 -22.26 9.01
C GLY A 132 14.43 -21.96 8.10
N ARG A 133 14.52 -20.74 7.59
CA ARG A 133 15.54 -20.42 6.60
C ARG A 133 16.38 -19.20 6.97
N GLY A 134 16.32 -18.79 8.24
CA GLY A 134 17.10 -17.66 8.70
C GLY A 134 16.31 -16.48 9.24
N LEU A 135 15.07 -16.34 8.77
CA LEU A 135 14.24 -15.21 9.17
C LEU A 135 13.06 -15.72 9.98
N SER A 136 12.69 -15.00 11.04
CA SER A 136 11.52 -15.39 11.81
C SER A 136 10.26 -15.30 10.96
N PHE A 137 9.14 -15.77 11.50
CA PHE A 137 7.89 -15.61 10.80
C PHE A 137 7.54 -14.13 10.62
N LEU A 138 7.53 -13.38 11.72
CA LEU A 138 7.35 -11.94 11.63
C LEU A 138 8.22 -11.33 10.53
N ASP A 139 9.50 -11.68 10.49
CA ASP A 139 10.41 -11.12 9.49
C ASP A 139 9.92 -11.44 8.09
N LEU A 140 9.44 -12.67 7.90
CA LEU A 140 8.95 -13.13 6.61
C LEU A 140 7.72 -12.33 6.20
N ILE A 141 6.87 -12.05 7.16
CA ILE A 141 5.69 -11.25 6.91
C ILE A 141 6.04 -9.82 6.51
N GLN A 142 7.10 -9.27 7.12
CA GLN A 142 7.48 -7.89 6.84
C GLN A 142 8.07 -7.80 5.46
N GLU A 143 8.88 -8.79 5.12
CA GLU A 143 9.50 -8.80 3.81
C GLU A 143 8.44 -9.05 2.76
N GLY A 144 7.53 -9.97 3.06
CA GLY A 144 6.39 -10.27 2.19
C GLY A 144 5.48 -9.08 1.97
N ASN A 145 5.15 -8.39 3.05
CA ASN A 145 4.35 -7.17 2.97
C ASN A 145 4.95 -6.11 2.03
N GLN A 146 6.27 -5.97 2.04
CA GLN A 146 6.93 -4.97 1.20
C GLN A 146 6.94 -5.36 -0.28
N GLY A 147 6.91 -6.67 -0.54
CA GLY A 147 6.68 -7.17 -1.88
C GLY A 147 5.25 -6.82 -2.34
N LEU A 148 4.31 -7.00 -1.43
CA LEU A 148 2.91 -6.71 -1.71
C LEU A 148 2.75 -5.27 -2.15
N ILE A 149 3.36 -4.38 -1.38
CA ILE A 149 3.28 -2.94 -1.64
C ILE A 149 3.87 -2.63 -3.00
N ARG A 150 4.96 -3.29 -3.32
CA ARG A 150 5.61 -3.10 -4.60
C ARG A 150 4.67 -3.55 -5.72
N ALA A 151 3.93 -4.62 -5.46
CA ALA A 151 3.00 -5.18 -6.44
C ALA A 151 1.84 -4.21 -6.72
N VAL A 152 1.25 -3.66 -5.67
CA VAL A 152 0.23 -2.64 -5.83
C VAL A 152 0.74 -1.48 -6.72
N GLU A 153 2.00 -1.09 -6.55
CA GLU A 153 2.58 0.00 -7.35
C GLU A 153 2.70 -0.30 -8.84
N LYS A 154 2.88 -1.57 -9.21
CA LYS A 154 3.23 -1.88 -10.60
C LYS A 154 2.15 -2.67 -11.31
N PHE A 155 1.14 -3.07 -10.56
CA PHE A 155 0.06 -3.86 -11.10
C PHE A 155 -0.64 -3.10 -12.24
N GLU A 156 -0.85 -3.80 -13.35
CA GLU A 156 -1.62 -3.25 -14.45
C GLU A 156 -2.89 -4.08 -14.62
N TYR A 157 -4.03 -3.54 -14.18
CA TYR A 157 -5.27 -4.30 -14.23
C TYR A 157 -5.77 -4.55 -15.67
N LYS A 158 -5.48 -3.65 -16.59
CA LYS A 158 -5.86 -3.80 -18.00
C LYS A 158 -5.37 -5.11 -18.63
N ARG A 159 -4.28 -5.67 -18.11
CA ARG A 159 -3.79 -6.95 -18.60
C ARG A 159 -4.76 -8.12 -18.38
N ARG A 160 -5.69 -7.96 -17.44
CA ARG A 160 -6.73 -8.95 -17.15
C ARG A 160 -6.24 -10.16 -16.34
N PHE A 161 -5.04 -10.07 -15.78
CA PHE A 161 -4.57 -11.09 -14.84
C PHE A 161 -5.03 -10.75 -13.42
N LYS A 162 -5.36 -11.79 -12.64
CA LYS A 162 -5.75 -11.59 -11.24
C LYS A 162 -4.64 -10.92 -10.45
N PHE A 163 -5.03 -10.14 -9.44
CA PHE A 163 -4.03 -9.50 -8.62
C PHE A 163 -3.14 -10.55 -7.92
N SER A 164 -3.74 -11.59 -7.36
CA SER A 164 -2.97 -12.65 -6.67
C SER A 164 -1.81 -13.22 -7.51
N THR A 165 -2.00 -13.26 -8.82
CA THR A 165 -0.96 -13.74 -9.74
C THR A 165 0.28 -12.85 -9.71
N TYR A 166 0.08 -11.55 -9.90
CA TYR A 166 1.16 -10.58 -9.89
C TYR A 166 1.71 -10.41 -8.47
N ALA A 167 0.80 -10.33 -7.51
CA ALA A 167 1.19 -10.17 -6.11
C ALA A 167 2.09 -11.29 -5.63
N THR A 168 1.74 -12.53 -6.00
CA THR A 168 2.48 -13.71 -5.57
C THR A 168 3.93 -13.67 -6.09
N TRP A 169 4.10 -13.33 -7.35
CA TRP A 169 5.42 -13.17 -7.94
C TRP A 169 6.23 -12.20 -7.08
N TRP A 170 5.69 -11.01 -6.81
CA TRP A 170 6.40 -10.00 -6.04
C TRP A 170 6.72 -10.45 -4.64
N ILE A 171 5.81 -11.19 -4.02
CA ILE A 171 5.96 -11.53 -2.61
C ILE A 171 7.07 -12.56 -2.46
N ARG A 172 7.21 -13.44 -3.44
CA ARG A 172 8.28 -14.42 -3.44
C ARG A 172 9.61 -13.73 -3.69
N GLN A 173 9.62 -12.77 -4.62
CA GLN A 173 10.84 -12.01 -4.89
C GLN A 173 11.34 -11.38 -3.62
N ALA A 174 10.47 -10.64 -2.97
CA ALA A 174 10.81 -9.98 -1.73
C ALA A 174 11.35 -10.99 -0.72
N ILE A 175 10.65 -12.12 -0.59
CA ILE A 175 11.06 -13.06 0.45
C ILE A 175 12.34 -13.78 0.06
N ASN A 176 12.48 -14.13 -1.21
CA ASN A 176 13.71 -14.76 -1.67
C ASN A 176 14.94 -13.85 -1.53
N ARG A 177 14.81 -12.57 -1.88
CA ARG A 177 15.91 -11.63 -1.71
C ARG A 177 16.30 -11.46 -0.24
N ALA A 178 15.32 -11.40 0.65
CA ALA A 178 15.65 -11.17 2.06
C ALA A 178 16.42 -12.33 2.68
N ILE A 179 16.14 -13.55 2.21
CA ILE A 179 16.82 -14.73 2.70
C ILE A 179 18.29 -14.76 2.27
N ALA A 180 18.50 -14.47 0.99
CA ALA A 180 19.83 -14.42 0.37
C ALA A 180 20.73 -13.28 0.90
N ASP A 181 20.12 -12.26 1.48
CA ASP A 181 20.87 -11.15 2.09
C ASP A 181 21.24 -11.49 3.54
N GLN A 182 20.36 -12.20 4.22
CA GLN A 182 20.60 -12.69 5.57
C GLN A 182 21.77 -13.67 5.55
N ALA A 183 22.02 -14.23 4.38
CA ALA A 183 23.03 -15.27 4.22
C ALA A 183 24.32 -14.75 3.57
N ARG A 184 24.60 -13.46 3.77
CA ARG A 184 25.80 -12.84 3.21
C ARG A 184 25.83 -12.93 1.67
#